data_5HVE
#
_entry.id   5HVE
#
_cell.length_a   85.142
_cell.length_b   85.142
_cell.length_c   77.423
_cell.angle_alpha   90.00
_cell.angle_beta   90.00
_cell.angle_gamma   120.00
#
_symmetry.space_group_name_H-M   'H 3'
#
loop_
_entity.id
_entity.type
_entity.pdbx_description
1 polymer 'Dihydrofolate reductase'
2 non-polymer 5-methyl-6-{[3-(trifluoromethoxy)phenyl]sulfanyl}thieno[2,3-d]pyrimidine-2,4-diamine
3 non-polymer 'NADPH DIHYDRO-NICOTINAMIDE-ADENINE-DINUCLEOTIDE PHOSPHATE'
4 water water
#
_entity_poly.entity_id   1
_entity_poly.type   'polypeptide(L)'
_entity_poly.pdbx_seq_one_letter_code
;VGSLNCIVAVSQNMGIGKNGDLPWPPLRNEFRYFQRMTTTSSVEGKQNLVIMGKKTWFSIPEKNRPLKGRINLVLSRELK
EPPQGAHFLSRSLDDALKLTEQPELANKVDMVWIVGGSSVYKEAMNHPGHLKLFVTRIMQDFESDTFFPEIDLEKYKLLP
EYPGVLSDVQEEKGIKYKFEVYEKND
;
_entity_poly.pdbx_strand_id   A
#
loop_
_chem_comp.id
_chem_comp.type
_chem_comp.name
_chem_comp.formula
65Q non-polymer 5-methyl-6-{[3-(trifluoromethoxy)phenyl]sulfanyl}thieno[2,3-d]pyrimidine-2,4-diamine 'C14 H11 F3 N4 O S2'
NDP non-polymer 'NADPH DIHYDRO-NICOTINAMIDE-ADENINE-DINUCLEOTIDE PHOSPHATE' 'C21 H30 N7 O17 P3'
#
# COMPACT_ATOMS: atom_id res chain seq x y z
N VAL A 1 8.81 -0.73 -15.97
CA VAL A 1 7.97 -0.59 -14.73
C VAL A 1 6.86 0.48 -14.99
N GLY A 2 5.64 0.18 -14.55
CA GLY A 2 4.49 1.07 -14.74
C GLY A 2 4.29 1.96 -13.52
N SER A 3 3.02 2.09 -13.13
N SER A 3 3.04 2.08 -13.12
CA SER A 3 2.59 3.15 -12.15
CA SER A 3 2.76 3.14 -12.18
C SER A 3 3.00 2.90 -10.72
C SER A 3 3.29 2.89 -10.74
N LEU A 4 3.35 4.00 -10.02
CA LEU A 4 3.61 4.03 -8.56
C LEU A 4 2.29 4.40 -7.87
N ASN A 5 1.96 3.60 -6.85
CA ASN A 5 0.67 3.64 -6.10
C ASN A 5 0.89 3.43 -4.64
N CYS A 6 0.12 4.12 -3.77
CA CYS A 6 0.01 3.73 -2.39
C CYS A 6 -1.38 3.14 -2.18
N ILE A 7 -1.48 2.18 -1.25
CA ILE A 7 -2.78 1.66 -0.83
C ILE A 7 -2.82 1.59 0.74
N VAL A 8 -3.97 1.96 1.32
CA VAL A 8 -4.12 2.03 2.75
C VAL A 8 -5.59 1.99 3.09
N ALA A 9 -5.85 1.52 4.32
CA ALA A 9 -7.18 1.69 4.95
C ALA A 9 -6.95 2.58 6.15
N VAL A 10 -7.86 3.57 6.35
CA VAL A 10 -7.60 4.58 7.35
C VAL A 10 -8.91 4.96 8.09
N SER A 11 -8.90 5.03 9.42
CA SER A 11 -10.13 5.44 10.17
C SER A 11 -10.30 6.96 10.01
N GLN A 12 -11.41 7.46 10.58
CA GLN A 12 -11.75 8.88 10.45
C GLN A 12 -10.73 9.80 11.15
N ASN A 13 -10.12 9.27 12.24
CA ASN A 13 -9.09 9.98 12.96
C ASN A 13 -7.69 9.64 12.39
N MET A 14 -7.67 9.15 11.13
CA MET A 14 -6.41 8.96 10.33
C MET A 14 -5.60 7.76 10.87
N GLY A 15 -6.19 6.90 11.66
CA GLY A 15 -5.48 5.76 12.18
C GLY A 15 -5.28 4.72 11.12
N ILE A 16 -4.09 4.09 11.14
CA ILE A 16 -3.81 2.92 10.28
C ILE A 16 -3.38 1.68 11.07
N GLY A 17 -2.98 1.81 12.34
CA GLY A 17 -2.53 0.62 13.04
C GLY A 17 -2.53 0.92 14.55
N LYS A 18 -2.54 -0.19 15.30
CA LYS A 18 -2.44 -0.09 16.76
C LYS A 18 -1.77 -1.40 17.21
N ASN A 19 -0.67 -1.18 17.92
CA ASN A 19 0.12 -2.35 18.49
C ASN A 19 0.39 -3.38 17.36
N GLY A 20 0.71 -2.90 16.13
CA GLY A 20 1.12 -3.86 15.05
C GLY A 20 -0.02 -4.55 14.42
N ASP A 21 -1.26 -4.13 14.72
CA ASP A 21 -2.46 -4.74 14.19
C ASP A 21 -3.34 -3.67 13.59
N LEU A 22 -4.35 -4.08 12.86
CA LEU A 22 -5.41 -3.12 12.47
C LEU A 22 -6.08 -2.49 13.69
N PRO A 23 -6.48 -1.21 13.60
CA PRO A 23 -7.28 -0.63 14.74
C PRO A 23 -8.64 -1.21 14.88
N TRP A 24 -9.19 -1.69 13.78
CA TRP A 24 -10.57 -2.28 13.69
C TRP A 24 -10.50 -3.78 13.64
N PRO A 25 -11.64 -4.47 13.92
CA PRO A 25 -11.70 -5.92 13.81
C PRO A 25 -11.52 -6.28 12.31
N PRO A 26 -10.99 -7.41 12.02
CA PRO A 26 -10.73 -7.78 10.61
C PRO A 26 -11.95 -7.60 9.73
N LEU A 27 -11.70 -7.01 8.55
CA LEU A 27 -12.73 -6.80 7.56
C LEU A 27 -12.32 -7.66 6.37
N ARG A 28 -12.93 -8.83 6.20
CA ARG A 28 -12.54 -9.80 5.19
C ARG A 28 -12.56 -9.25 3.77
N ASN A 29 -13.65 -8.60 3.46
CA ASN A 29 -13.76 -8.06 2.09
C ASN A 29 -12.79 -6.90 1.82
N GLU A 30 -12.43 -6.17 2.88
CA GLU A 30 -11.47 -5.08 2.71
C GLU A 30 -10.12 -5.68 2.38
N PHE A 31 -9.72 -6.74 3.09
CA PHE A 31 -8.50 -7.40 2.71
C PHE A 31 -8.54 -8.05 1.32
N ARG A 32 -9.66 -8.58 0.93
CA ARG A 32 -9.80 -9.10 -0.40
C ARG A 32 -9.63 -8.01 -1.43
N TYR A 33 -10.19 -6.82 -1.12
CA TYR A 33 -9.99 -5.68 -2.05
C TYR A 33 -8.47 -5.36 -2.19
N PHE A 34 -7.79 -5.24 -1.03
CA PHE A 34 -6.33 -5.03 -1.05
C PHE A 34 -5.59 -6.07 -1.90
N GLN A 35 -5.93 -7.36 -1.66
CA GLN A 35 -5.29 -8.42 -2.38
C GLN A 35 -5.56 -8.29 -3.91
N ARG A 36 -6.77 -7.98 -4.27
CA ARG A 36 -7.14 -7.87 -5.72
C ARG A 36 -6.46 -6.67 -6.38
N MET A 37 -6.38 -5.50 -5.70
CA MET A 37 -5.91 -4.35 -6.40
C MET A 37 -4.41 -4.46 -6.51
N THR A 38 -3.71 -5.00 -5.47
CA THR A 38 -2.28 -5.08 -5.57
C THR A 38 -1.76 -6.24 -6.47
N THR A 39 -2.59 -7.28 -6.67
CA THR A 39 -2.14 -8.45 -7.42
C THR A 39 -2.40 -8.26 -8.92
N THR A 40 -3.43 -7.53 -9.28
CA THR A 40 -3.89 -7.57 -10.71
C THR A 40 -2.92 -6.66 -11.54
N SER A 41 -2.27 -7.22 -12.56
CA SER A 41 -1.40 -6.48 -13.49
C SER A 41 -2.22 -6.08 -14.73
N SER A 42 -1.81 -5.04 -15.46
CA SER A 42 -2.51 -4.58 -16.67
C SER A 42 -1.73 -4.96 -17.94
N VAL A 43 -0.82 -5.94 -17.82
CA VAL A 43 0.28 -6.24 -18.81
C VAL A 43 0.59 -7.73 -18.72
N GLU A 44 0.52 -8.47 -19.82
CA GLU A 44 0.62 -9.94 -19.69
C GLU A 44 2.09 -10.39 -19.36
N GLY A 45 2.28 -11.40 -18.52
CA GLY A 45 3.64 -11.87 -18.16
C GLY A 45 4.42 -11.02 -17.16
N LYS A 46 3.76 -10.08 -16.50
CA LYS A 46 4.45 -9.31 -15.46
C LYS A 46 3.71 -9.53 -14.11
N GLN A 47 4.40 -9.24 -13.01
CA GLN A 47 3.78 -9.20 -11.69
C GLN A 47 3.93 -7.80 -11.20
N ASN A 48 3.04 -7.47 -10.26
CA ASN A 48 3.26 -6.23 -9.54
C ASN A 48 4.23 -6.46 -8.37
N LEU A 49 4.86 -5.39 -7.94
CA LEU A 49 5.83 -5.30 -6.82
C LEU A 49 5.18 -4.62 -5.63
N VAL A 50 5.24 -5.19 -4.42
CA VAL A 50 4.82 -4.51 -3.22
C VAL A 50 6.01 -4.14 -2.42
N ILE A 51 6.00 -2.90 -1.91
CA ILE A 51 7.07 -2.32 -1.08
C ILE A 51 6.43 -2.06 0.29
N MET A 52 7.13 -2.54 1.34
CA MET A 52 6.61 -2.21 2.67
C MET A 52 7.69 -2.08 3.65
N GLY A 53 7.50 -1.35 4.74
CA GLY A 53 8.41 -1.31 5.84
C GLY A 53 8.44 -2.64 6.59
N LYS A 54 9.48 -2.79 7.42
CA LYS A 54 9.69 -3.95 8.18
C LYS A 54 8.51 -4.30 9.15
N LYS A 55 8.05 -3.27 9.85
CA LYS A 55 6.92 -3.55 10.80
C LYS A 55 5.67 -4.00 10.06
N THR A 56 5.39 -3.40 8.87
CA THR A 56 4.29 -3.88 8.03
C THR A 56 4.43 -5.33 7.63
N TRP A 57 5.63 -5.70 7.08
CA TRP A 57 5.87 -7.13 6.86
C TRP A 57 5.45 -8.07 8.00
N PHE A 58 5.95 -7.70 9.22
CA PHE A 58 5.68 -8.59 10.34
C PHE A 58 4.29 -8.50 10.87
N SER A 59 3.55 -7.46 10.43
N SER A 59 3.52 -7.47 10.44
CA SER A 59 2.16 -7.30 10.82
CA SER A 59 2.08 -7.37 10.81
C SER A 59 1.22 -8.12 9.95
C SER A 59 1.20 -8.24 9.96
N ILE A 60 1.63 -8.54 8.74
CA ILE A 60 0.80 -9.35 7.85
C ILE A 60 0.79 -10.80 8.41
N PRO A 61 -0.45 -11.42 8.42
CA PRO A 61 -0.47 -12.77 8.94
C PRO A 61 0.45 -13.69 8.17
N GLU A 62 1.14 -14.57 8.87
CA GLU A 62 2.09 -15.53 8.27
C GLU A 62 1.53 -16.29 7.05
N LYS A 63 0.26 -16.69 7.11
CA LYS A 63 -0.31 -17.54 6.05
C LYS A 63 -0.47 -16.72 4.81
N ASN A 64 -0.29 -15.40 4.93
CA ASN A 64 -0.46 -14.53 3.77
C ASN A 64 0.86 -13.90 3.44
N ARG A 65 1.99 -14.38 3.99
CA ARG A 65 3.29 -13.82 3.61
C ARG A 65 4.11 -14.90 2.95
N PRO A 66 4.89 -14.55 1.95
CA PRO A 66 4.77 -13.31 1.19
C PRO A 66 3.39 -13.15 0.61
N LEU A 67 3.08 -11.91 0.24
CA LEU A 67 1.82 -11.66 -0.47
C LEU A 67 1.94 -12.41 -1.85
N LYS A 68 1.08 -13.36 -2.04
CA LYS A 68 1.24 -14.32 -3.16
C LYS A 68 1.05 -13.58 -4.51
N GLY A 69 1.84 -14.02 -5.50
CA GLY A 69 1.66 -13.50 -6.88
C GLY A 69 2.11 -12.08 -7.08
N ARG A 70 2.90 -11.58 -6.15
CA ARG A 70 3.53 -10.25 -6.16
C ARG A 70 4.96 -10.41 -5.74
N ILE A 71 5.88 -9.60 -6.20
CA ILE A 71 7.22 -9.59 -5.74
C ILE A 71 7.24 -8.77 -4.45
N ASN A 72 7.73 -9.33 -3.39
CA ASN A 72 7.69 -8.64 -2.06
C ASN A 72 9.02 -8.02 -1.66
N LEU A 73 9.12 -6.73 -1.45
CA LEU A 73 10.29 -6.04 -1.07
C LEU A 73 10.09 -5.31 0.23
N VAL A 74 10.97 -5.55 1.20
CA VAL A 74 10.88 -4.96 2.50
C VAL A 74 11.94 -3.91 2.70
N LEU A 75 11.64 -2.78 3.34
CA LEU A 75 12.54 -1.69 3.63
C LEU A 75 13.09 -1.82 5.05
N SER A 76 14.41 -1.79 5.22
CA SER A 76 15.03 -1.75 6.55
C SER A 76 16.45 -1.41 6.41
N ARG A 77 16.92 -0.64 7.40
CA ARG A 77 18.41 -0.40 7.47
C ARG A 77 19.07 -1.27 8.49
N GLU A 78 18.32 -1.86 9.37
CA GLU A 78 18.83 -2.84 10.37
C GLU A 78 19.02 -4.23 9.82
N LEU A 79 18.08 -4.76 9.00
CA LEU A 79 18.16 -6.14 8.53
C LEU A 79 19.39 -6.31 7.62
N LYS A 80 19.92 -7.52 7.61
CA LYS A 80 21.09 -7.82 6.76
C LYS A 80 20.69 -8.47 5.45
N GLU A 81 19.51 -9.00 5.44
CA GLU A 81 19.00 -9.79 4.31
C GLU A 81 17.46 -9.80 4.37
N PRO A 82 16.76 -10.11 3.27
CA PRO A 82 15.32 -10.13 3.34
C PRO A 82 14.82 -11.08 4.43
N PRO A 83 13.76 -10.72 5.15
CA PRO A 83 13.22 -11.69 6.07
C PRO A 83 12.78 -12.99 5.40
N GLN A 84 12.76 -14.06 6.20
CA GLN A 84 12.24 -15.33 5.74
C GLN A 84 10.94 -15.16 4.91
N GLY A 85 10.84 -15.65 3.68
CA GLY A 85 9.63 -15.53 2.89
C GLY A 85 9.59 -14.32 1.99
N ALA A 86 10.40 -13.31 2.28
CA ALA A 86 10.33 -12.08 1.48
C ALA A 86 11.26 -12.29 0.32
N HIS A 87 11.20 -11.44 -0.69
CA HIS A 87 12.11 -11.58 -1.87
C HIS A 87 13.21 -10.63 -1.95
N PHE A 88 13.01 -9.38 -1.61
CA PHE A 88 14.05 -8.40 -1.72
C PHE A 88 14.09 -7.52 -0.47
N LEU A 89 15.22 -6.85 -0.22
CA LEU A 89 15.50 -5.94 0.86
C LEU A 89 16.15 -4.71 0.33
N SER A 90 15.61 -3.54 0.58
CA SER A 90 16.28 -2.27 0.33
C SER A 90 16.38 -1.38 1.55
N ARG A 91 17.35 -0.50 1.54
CA ARG A 91 17.67 0.40 2.63
C ARG A 91 16.98 1.75 2.55
N SER A 92 16.22 2.00 1.49
CA SER A 92 15.51 3.30 1.35
C SER A 92 14.49 3.16 0.24
N LEU A 93 13.50 4.05 0.23
CA LEU A 93 12.50 4.03 -0.83
C LEU A 93 13.17 4.25 -2.21
N ASP A 94 14.13 5.19 -2.29
CA ASP A 94 14.81 5.50 -3.54
C ASP A 94 15.58 4.30 -3.99
N ASP A 95 16.21 3.61 -3.06
CA ASP A 95 17.00 2.46 -3.41
C ASP A 95 16.04 1.45 -4.00
N ALA A 96 14.88 1.26 -3.37
CA ALA A 96 13.99 0.23 -3.88
C ALA A 96 13.51 0.55 -5.30
N LEU A 97 13.21 1.82 -5.54
CA LEU A 97 12.68 2.23 -6.83
C LEU A 97 13.78 2.19 -7.91
N LYS A 98 14.99 2.54 -7.51
CA LYS A 98 16.20 2.32 -8.33
C LYS A 98 16.32 0.85 -8.68
N LEU A 99 16.14 -0.06 -7.70
CA LEU A 99 16.28 -1.51 -7.93
C LEU A 99 15.37 -2.00 -9.06
N THR A 100 14.17 -1.41 -9.12
CA THR A 100 13.27 -1.75 -10.21
C THR A 100 13.76 -1.20 -11.56
N GLU A 101 14.80 -0.37 -11.55
CA GLU A 101 15.54 -0.04 -12.80
C GLU A 101 16.46 -1.20 -13.24
N GLN A 102 17.02 -1.96 -12.30
CA GLN A 102 17.90 -3.10 -12.68
C GLN A 102 17.24 -3.90 -13.78
N PRO A 103 18.05 -4.43 -14.70
CA PRO A 103 17.50 -5.04 -15.90
C PRO A 103 16.61 -6.27 -15.73
N GLU A 104 16.98 -7.16 -14.80
CA GLU A 104 16.26 -8.42 -14.66
C GLU A 104 14.96 -8.23 -13.83
N LEU A 105 14.81 -7.07 -13.19
CA LEU A 105 13.52 -6.64 -12.63
C LEU A 105 12.69 -5.67 -13.50
N ALA A 106 13.37 -4.76 -14.20
CA ALA A 106 12.66 -3.73 -14.99
C ALA A 106 11.76 -4.32 -16.12
N ASN A 107 12.03 -5.55 -16.53
CA ASN A 107 11.13 -6.25 -17.41
C ASN A 107 10.21 -7.21 -16.66
N LYS A 108 10.35 -7.36 -15.35
CA LYS A 108 9.40 -8.29 -14.64
C LYS A 108 8.22 -7.55 -14.02
N VAL A 109 8.45 -6.30 -13.65
CA VAL A 109 7.50 -5.54 -12.77
C VAL A 109 6.54 -4.66 -13.56
N ASP A 110 5.23 -4.80 -13.36
CA ASP A 110 4.22 -3.82 -13.85
C ASP A 110 4.05 -2.66 -12.77
N MET A 111 2.98 -2.76 -11.99
CA MET A 111 2.71 -1.67 -11.02
C MET A 111 3.54 -1.86 -9.75
N VAL A 112 3.89 -0.73 -9.15
CA VAL A 112 4.51 -0.71 -7.80
C VAL A 112 3.52 -0.23 -6.78
N TRP A 113 3.31 -1.03 -5.70
CA TRP A 113 2.32 -0.72 -4.65
C TRP A 113 3.01 -0.55 -3.35
N ILE A 114 3.02 0.64 -2.79
CA ILE A 114 3.52 0.83 -1.39
C ILE A 114 2.34 0.53 -0.46
N VAL A 115 2.57 -0.49 0.36
CA VAL A 115 1.49 -1.02 1.20
C VAL A 115 1.65 -0.70 2.75
N GLY A 116 2.60 0.16 3.09
CA GLY A 116 2.72 0.67 4.47
C GLY A 116 4.15 0.66 4.89
N GLY A 117 4.54 1.33 5.97
CA GLY A 117 3.63 2.03 6.84
C GLY A 117 3.83 3.51 6.73
N SER A 118 3.61 4.21 7.87
N SER A 118 3.64 4.16 7.78
CA SER A 118 3.44 5.70 7.85
CA SER A 118 3.47 5.65 7.77
C SER A 118 4.60 6.45 7.16
C SER A 118 4.63 6.41 7.08
N SER A 119 5.84 6.11 7.50
CA SER A 119 6.93 6.86 7.00
C SER A 119 7.18 6.70 5.52
N VAL A 120 6.89 5.49 5.02
CA VAL A 120 7.05 5.13 3.60
C VAL A 120 5.95 5.88 2.78
N TYR A 121 4.75 5.83 3.30
CA TYR A 121 3.69 6.67 2.70
C TYR A 121 4.05 8.13 2.63
N LYS A 122 4.52 8.69 3.72
CA LYS A 122 4.79 10.12 3.74
C LYS A 122 5.89 10.54 2.74
N GLU A 123 6.93 9.76 2.58
N GLU A 123 6.92 9.67 2.69
CA GLU A 123 7.97 10.20 1.62
CA GLU A 123 8.06 9.77 1.75
C GLU A 123 7.43 10.03 0.19
C GLU A 123 7.45 9.97 0.36
N ALA A 124 6.72 8.94 -0.09
CA ALA A 124 6.22 8.83 -1.44
C ALA A 124 5.26 9.98 -1.76
N MET A 125 4.39 10.30 -0.82
CA MET A 125 3.38 11.32 -1.06
C MET A 125 3.84 12.70 -1.24
N ASN A 126 5.02 13.01 -0.70
CA ASN A 126 5.64 14.38 -0.86
C ASN A 126 6.76 14.43 -1.89
N HIS A 127 6.90 13.39 -2.68
CA HIS A 127 7.97 13.28 -3.67
C HIS A 127 7.34 13.68 -4.98
N PRO A 128 7.96 14.57 -5.74
CA PRO A 128 7.36 14.98 -7.03
C PRO A 128 7.15 13.77 -7.93
N GLY A 129 6.10 13.81 -8.71
CA GLY A 129 5.85 12.83 -9.82
C GLY A 129 4.43 12.37 -9.82
N HIS A 130 4.19 11.33 -10.62
CA HIS A 130 2.84 10.83 -10.75
C HIS A 130 2.59 9.76 -9.76
N LEU A 131 1.48 9.95 -8.98
CA LEU A 131 1.29 8.98 -7.88
C LEU A 131 -0.22 8.89 -7.67
N LYS A 132 -0.70 7.66 -7.42
CA LYS A 132 -2.11 7.44 -7.01
C LYS A 132 -2.15 6.91 -5.62
N LEU A 133 -3.20 7.32 -4.90
CA LEU A 133 -3.44 6.82 -3.49
C LEU A 133 -4.78 6.07 -3.58
N PHE A 134 -4.78 4.80 -3.25
CA PHE A 134 -6.02 4.01 -3.06
C PHE A 134 -6.33 3.95 -1.57
N VAL A 135 -7.38 4.67 -1.21
CA VAL A 135 -7.64 4.92 0.23
C VAL A 135 -8.97 4.30 0.59
N THR A 136 -8.97 3.36 1.57
CA THR A 136 -10.30 2.92 2.11
C THR A 136 -10.58 3.79 3.31
N ARG A 137 -11.69 4.53 3.29
CA ARG A 137 -12.17 5.28 4.44
C ARG A 137 -12.98 4.47 5.36
N ILE A 138 -12.40 4.13 6.50
CA ILE A 138 -13.21 3.40 7.50
C ILE A 138 -13.89 4.49 8.24
N MET A 139 -15.24 4.46 8.26
CA MET A 139 -16.04 5.65 8.61
C MET A 139 -16.44 5.74 10.09
N GLN A 140 -15.48 5.44 10.96
CA GLN A 140 -15.62 5.56 12.42
C GLN A 140 -14.24 5.90 12.95
N ASP A 141 -14.20 6.37 14.17
CA ASP A 141 -12.92 6.63 14.84
C ASP A 141 -12.53 5.34 15.51
N PHE A 142 -11.23 5.05 15.42
CA PHE A 142 -10.67 3.91 16.17
C PHE A 142 -9.36 4.32 16.84
N GLU A 143 -9.20 3.84 18.06
CA GLU A 143 -7.94 4.08 18.80
C GLU A 143 -6.80 3.46 18.01
N SER A 144 -5.79 4.33 17.86
CA SER A 144 -4.64 4.02 16.93
C SER A 144 -3.37 4.55 17.50
N ASP A 145 -2.24 3.94 17.07
CA ASP A 145 -0.93 4.44 17.47
C ASP A 145 -0.06 4.79 16.32
N THR A 146 -0.62 4.69 15.11
CA THR A 146 0.14 4.96 13.87
C THR A 146 -0.86 5.57 12.83
N PHE A 147 -0.51 6.62 12.13
CA PHE A 147 -1.43 7.41 11.39
C PHE A 147 -0.99 7.64 9.98
N PHE A 148 -1.96 7.80 9.10
CA PHE A 148 -1.72 8.15 7.74
C PHE A 148 -1.36 9.65 7.53
N PRO A 149 -0.37 9.96 6.70
CA PRO A 149 -0.01 11.39 6.56
C PRO A 149 -1.15 12.18 5.93
N GLU A 150 -1.09 13.49 6.13
CA GLU A 150 -2.03 14.41 5.54
C GLU A 150 -2.07 14.26 4.02
N ILE A 151 -3.28 14.16 3.46
CA ILE A 151 -3.41 14.23 1.99
C ILE A 151 -3.73 15.71 1.58
N ASP A 152 -2.82 16.30 0.82
CA ASP A 152 -2.99 17.70 0.36
C ASP A 152 -3.91 17.65 -0.82
N LEU A 153 -5.16 18.11 -0.57
CA LEU A 153 -6.18 18.02 -1.68
C LEU A 153 -6.02 19.07 -2.80
N GLU A 154 -5.08 20.01 -2.60
CA GLU A 154 -4.72 20.88 -3.68
C GLU A 154 -3.98 20.08 -4.78
N LYS A 155 -3.20 19.06 -4.41
CA LYS A 155 -2.33 18.30 -5.36
C LYS A 155 -3.07 16.94 -5.68
N TYR A 156 -3.73 16.32 -4.68
CA TYR A 156 -4.35 14.98 -4.83
C TYR A 156 -5.80 15.18 -5.23
N LYS A 157 -6.10 14.93 -6.50
CA LYS A 157 -7.49 14.95 -6.99
C LYS A 157 -8.21 13.69 -6.67
N LEU A 158 -9.37 13.80 -6.02
CA LEU A 158 -10.25 12.64 -5.79
C LEU A 158 -10.95 12.30 -7.09
N LEU A 159 -10.71 11.13 -7.57
CA LEU A 159 -11.32 10.74 -8.86
C LEU A 159 -12.78 10.49 -8.70
N PRO A 160 -13.62 10.85 -9.67
CA PRO A 160 -15.05 10.69 -9.46
C PRO A 160 -15.54 9.27 -9.69
N GLU A 161 -14.70 8.39 -10.19
CA GLU A 161 -14.97 7.00 -10.48
C GLU A 161 -13.67 6.36 -10.82
N TYR A 162 -13.57 5.04 -10.62
CA TYR A 162 -12.35 4.33 -11.12
C TYR A 162 -12.70 2.91 -11.47
N PRO A 163 -12.19 2.37 -12.61
CA PRO A 163 -12.68 1.02 -12.99
C PRO A 163 -12.19 0.02 -11.98
N GLY A 164 -13.11 -0.87 -11.58
CA GLY A 164 -12.72 -1.98 -10.64
C GLY A 164 -12.84 -1.60 -9.18
N VAL A 165 -13.31 -0.39 -8.92
CA VAL A 165 -13.47 0.11 -7.54
C VAL A 165 -14.91 0.49 -7.30
N LEU A 166 -15.56 -0.21 -6.36
CA LEU A 166 -16.91 0.14 -5.99
C LEU A 166 -17.06 1.54 -5.44
N SER A 167 -18.10 2.26 -5.80
CA SER A 167 -18.27 3.61 -5.29
C SER A 167 -19.22 3.74 -4.11
N ASP A 168 -20.04 2.75 -3.81
CA ASP A 168 -21.02 2.88 -2.73
C ASP A 168 -20.43 2.53 -1.35
N VAL A 169 -21.22 2.66 -0.33
CA VAL A 169 -20.75 2.36 1.01
C VAL A 169 -20.82 0.86 1.21
N GLN A 170 -19.78 0.30 1.80
CA GLN A 170 -19.65 -1.09 2.21
C GLN A 170 -19.81 -1.18 3.69
N GLU A 171 -20.14 -2.39 4.17
CA GLU A 171 -20.22 -2.64 5.59
C GLU A 171 -19.91 -4.08 5.92
N GLU A 172 -19.04 -4.17 6.93
CA GLU A 172 -18.73 -5.48 7.51
C GLU A 172 -18.51 -5.31 8.95
N LYS A 173 -19.05 -6.35 9.66
CA LYS A 173 -19.02 -6.34 11.12
C LYS A 173 -19.58 -5.02 11.74
N GLY A 174 -20.59 -4.44 11.07
CA GLY A 174 -21.29 -3.24 11.54
C GLY A 174 -20.43 -1.97 11.37
N ILE A 175 -19.30 -2.12 10.63
CA ILE A 175 -18.44 -0.99 10.31
C ILE A 175 -18.60 -0.58 8.81
N LYS A 176 -19.04 0.66 8.61
CA LYS A 176 -19.19 1.25 7.25
C LYS A 176 -17.83 1.79 6.76
N TYR A 177 -17.59 1.51 5.51
CA TYR A 177 -16.34 2.01 4.86
C TYR A 177 -16.62 2.30 3.37
N LYS A 178 -15.70 3.00 2.72
CA LYS A 178 -15.88 3.40 1.28
C LYS A 178 -14.54 3.50 0.61
N PHE A 179 -14.42 3.15 -0.62
CA PHE A 179 -13.16 3.20 -1.38
C PHE A 179 -13.04 4.50 -2.15
N GLU A 180 -11.81 4.98 -2.19
CA GLU A 180 -11.48 6.20 -2.91
C GLU A 180 -10.19 6.00 -3.67
N VAL A 181 -10.05 6.79 -4.74
CA VAL A 181 -8.76 6.86 -5.51
C VAL A 181 -8.47 8.31 -5.72
N TYR A 182 -7.24 8.67 -5.35
CA TYR A 182 -6.66 10.05 -5.50
C TYR A 182 -5.52 9.92 -6.47
N GLU A 183 -5.32 11.02 -7.20
CA GLU A 183 -4.20 11.09 -8.17
C GLU A 183 -3.52 12.48 -8.10
N LYS A 184 -2.21 12.49 -8.02
CA LYS A 184 -1.47 13.74 -8.21
C LYS A 184 -0.50 13.54 -9.38
N ASN A 185 -0.06 14.67 -9.95
CA ASN A 185 1.00 14.65 -10.96
C ASN A 185 1.72 15.94 -10.93
N ASP A 186 2.87 15.93 -10.31
CA ASP A 186 3.59 17.22 -10.08
C ASP A 186 5.07 16.98 -10.24
C4 65Q B . -5.01 -3.44 3.79
C5 65Q B . -3.65 -3.15 3.67
C6 65Q B . -3.36 -1.99 2.93
N1 65Q B . -4.34 -1.25 2.36
N3 65Q B . -5.99 -2.69 3.33
FAD 65Q B . -2.75 -2.64 10.71
CAX 65Q B . -1.89 -2.51 9.78
FAE 65Q B . -0.91 -1.69 10.22
FAF 65Q B . -2.50 -1.97 8.71
OAM 65Q B . -1.27 -3.72 9.45
CAQ 65Q B . -1.93 -4.88 9.11
CAJ 65Q B . -2.13 -5.11 7.76
CAH 65Q B . -2.34 -5.86 10.04
CAG 65Q B . -2.92 -7.05 9.62
CAI 65Q B . -3.11 -7.28 8.23
CAR 65Q B . -2.75 -6.27 7.29
SAN 65Q B . -2.99 -6.62 5.64
CAU 65Q B . -3.52 -5.07 4.86
SAO 65Q B . -5.25 -4.80 4.85
C2 65Q B . -5.61 -1.66 2.54
NAB 65Q B . -6.58 -0.90 1.96
NAC 65Q B . -2.10 -1.53 2.72
CAT 65Q B . -2.81 -4.08 4.24
CAA 65Q B . -1.25 -4.09 4.22
PA NDP C . 6.69 0.46 8.79
O1A NDP C . 6.92 1.57 7.87
O2A NDP C . 6.10 -0.71 8.17
O5B NDP C . 8.00 0.05 9.52
C5B NDP C . 8.98 0.89 10.08
C4B NDP C . 10.36 0.18 9.93
O4B NDP C . 10.69 -0.15 8.50
C3B NDP C . 11.34 1.22 10.41
O3B NDP C . 11.59 0.99 11.89
C2B NDP C . 12.57 0.86 9.52
O2B NDP C . 13.10 -0.25 10.05
C1B NDP C . 11.96 0.40 8.17
N9A NDP C . 11.67 1.51 7.23
C8A NDP C . 10.46 2.14 7.08
N7A NDP C . 10.71 3.05 6.08
C5A NDP C . 11.94 2.91 5.53
C6A NDP C . 12.63 3.50 4.51
N6A NDP C . 12.16 4.46 3.64
N1A NDP C . 13.86 3.01 4.35
C2A NDP C . 14.45 2.02 5.10
N3A NDP C . 13.81 1.43 6.11
C4A NDP C . 12.55 1.93 6.29
O3 NDP C . 5.84 0.76 10.13
PN NDP C . 4.76 1.69 10.93
O1N NDP C . 4.27 2.79 10.10
O2N NDP C . 5.40 2.01 12.22
O5D NDP C . 3.64 0.67 11.12
C5D NDP C . 2.95 -0.31 10.48
C4D NDP C . 1.58 -0.14 11.27
O4D NDP C . 0.35 0.17 10.44
C3D NDP C . 1.22 -1.43 11.95
O3D NDP C . 0.23 -1.32 13.08
C2D NDP C . 0.48 -2.15 10.83
O2D NDP C . -0.46 -3.17 11.32
C1D NDP C . -0.35 -1.06 10.26
N1N NDP C . -0.53 -1.09 8.79
C2N NDP C . -1.80 -0.68 8.39
C3N NDP C . -2.19 -0.55 7.07
C7N NDP C . -3.47 -0.10 6.72
O7N NDP C . -3.72 -0.03 5.53
N7N NDP C . -4.34 0.16 7.71
C4N NDP C . -1.17 -0.77 6.05
C5N NDP C . 0.11 -1.19 6.52
C6N NDP C . 0.54 -1.28 7.86
P2B NDP C . 14.65 -0.31 10.37
O1X NDP C . 15.54 0.46 9.46
O2X NDP C . 14.69 0.20 11.78
O3X NDP C . 14.90 -1.79 10.43
#